data_1MFY
#
_entry.id   1MFY
#
_entity_poly.entity_id   1
_entity_poly.type   'polyribonucleotide'
_entity_poly.pdbx_seq_one_letter_code
;AGUAGAAACAAGGCUUCGGCCUGCUUUCGCU
;
_entity_poly.pdbx_strand_id   A
#
loop_
_chem_comp.id
_chem_comp.type
_chem_comp.name
_chem_comp.formula
A RNA linking ADENOSINE-5'-MONOPHOSPHATE 'C10 H14 N5 O7 P'
C RNA linking CYTIDINE-5'-MONOPHOSPHATE 'C9 H14 N3 O8 P'
G RNA linking GUANOSINE-5'-MONOPHOSPHATE 'C10 H14 N5 O8 P'
U RNA linking URIDINE-5'-MONOPHOSPHATE 'C9 H13 N2 O9 P'
#